data_3BZD
#
_entry.id   3BZD
#
_cell.length_a   96.970
_cell.length_b   96.970
_cell.length_c   92.510
_cell.angle_alpha   90.000
_cell.angle_beta   90.000
_cell.angle_gamma   120.000
#
_symmetry.space_group_name_H-M   'P 65'
#
loop_
_entity.id
_entity.type
_entity.pdbx_description
1 polymer 'T cell receptor beta chain 8.2'
2 polymer 'Enterotoxin type C-3'
3 non-polymer 'SULFATE ION'
4 water water
#
loop_
_entity_poly.entity_id
_entity_poly.type
_entity_poly.pdbx_seq_one_letter_code
_entity_poly.pdbx_strand_id
1 'polypeptide(L)'
;AAVTQSPRNKVAVTGEKVTLSCQQTNNHNNMYWYRQDTGHGLRLIHYSYGAGSTEKGDIPDGYKASRPSQEQFSLILESA
TPSQTSVYFCASGGGGTLYFGAGTRLSVL
;
A
2 'polypeptide(L)'
;ESQPDPMPDDLHKSSEFTGTMGNMKYLYDDHYVSATKVKSVDKFLAHDLIYNISDKKLKNYDKVKTELLNEDLAKKYKDE
VVDVYGSNYYVNCYFSSKDNVWWHGKTCMYGGITKHEGNHFDNGNLQNVLVRVYENKRNTISFEVQTDKKSVTAQELDIK
ARNFLINKKNLYEFNSSPYETGYIKFIENNGNTFWYDMMPAPGDKFDQSKYLMMYNDNKTVDSKSVKIEVHLTTKNG
;
B
#
# COMPACT_ATOMS: atom_id res chain seq x y z
N ALA A 1 -27.50 -7.10 12.34
CA ALA A 1 -26.49 -8.23 12.49
C ALA A 1 -25.01 -7.80 12.55
N ALA A 2 -24.66 -7.14 13.65
CA ALA A 2 -23.28 -6.71 13.90
C ALA A 2 -22.08 -7.35 13.10
N VAL A 3 -21.50 -8.46 13.55
CA VAL A 3 -20.34 -9.00 12.87
C VAL A 3 -20.58 -10.47 12.39
N THR A 4 -20.27 -10.80 11.14
CA THR A 4 -20.52 -12.20 10.68
C THR A 4 -19.30 -12.76 10.08
N GLN A 5 -18.98 -14.02 10.41
CA GLN A 5 -17.82 -14.69 9.79
C GLN A 5 -18.21 -15.65 8.69
N SER A 6 -17.25 -16.17 7.94
CA SER A 6 -17.53 -17.14 6.93
C SER A 6 -16.25 -17.84 6.56
N PRO A 7 -16.24 -19.21 6.53
CA PRO A 7 -17.40 -20.02 6.85
C PRO A 7 -17.48 -20.29 8.31
N ARG A 8 -18.61 -20.85 8.73
CA ARG A 8 -18.86 -21.07 10.17
C ARG A 8 -18.09 -22.31 10.68
N ASN A 9 -18.05 -23.36 9.85
CA ASN A 9 -17.54 -24.64 10.22
C ASN A 9 -16.65 -25.14 9.05
N LYS A 10 -15.40 -25.53 9.35
CA LYS A 10 -14.46 -25.98 8.30
C LYS A 10 -13.51 -27.11 8.67
N VAL A 11 -13.54 -28.16 7.84
CA VAL A 11 -12.66 -29.34 7.94
C VAL A 11 -11.71 -29.48 6.74
N ALA A 12 -10.43 -29.20 6.93
CA ALA A 12 -9.51 -29.17 5.82
C ALA A 12 -8.33 -30.09 6.09
N VAL A 13 -7.70 -30.60 5.03
CA VAL A 13 -6.57 -31.54 5.15
C VAL A 13 -5.24 -30.84 5.44
N THR A 14 -4.34 -31.47 6.17
CA THR A 14 -3.11 -30.75 6.50
C THR A 14 -2.41 -30.48 5.19
N GLY A 15 -2.19 -29.20 4.95
CA GLY A 15 -1.53 -28.74 3.70
C GLY A 15 -2.21 -27.54 3.03
N GLU A 16 -3.45 -27.77 2.57
CA GLU A 16 -4.23 -26.79 1.86
C GLU A 16 -4.23 -25.40 2.46
N LYS A 17 -4.51 -24.45 1.58
CA LYS A 17 -4.50 -23.04 1.90
C LYS A 17 -5.88 -22.62 2.39
N VAL A 18 -6.01 -22.28 3.67
CA VAL A 18 -7.32 -21.86 4.11
C VAL A 18 -7.46 -20.34 4.40
N THR A 19 -8.54 -19.73 3.86
CA THR A 19 -8.89 -18.29 4.11
C THR A 19 -10.17 -18.00 4.94
N LEU A 20 -10.10 -17.22 6.01
CA LEU A 20 -11.35 -16.93 6.77
C LEU A 20 -11.91 -15.52 6.60
N SER A 21 -13.12 -15.38 6.07
CA SER A 21 -13.71 -14.12 5.71
C SER A 21 -14.66 -13.59 6.81
N CYS A 22 -14.45 -12.34 7.23
CA CYS A 22 -15.21 -11.71 8.27
C CYS A 22 -15.72 -10.37 7.73
N GLN A 23 -16.97 -9.96 8.04
CA GLN A 23 -17.40 -8.69 7.47
C GLN A 23 -18.28 -8.00 8.42
N GLN A 24 -18.28 -6.67 8.43
CA GLN A 24 -19.05 -5.86 9.39
C GLN A 24 -20.12 -5.02 8.73
N THR A 25 -20.90 -4.35 9.59
CA THR A 25 -21.99 -3.50 9.15
C THR A 25 -22.03 -2.26 10.01
N ASN A 26 -21.29 -2.21 11.14
CA ASN A 26 -21.32 -1.00 11.93
C ASN A 26 -20.14 -0.17 11.53
N ASN A 27 -19.44 -0.63 10.49
CA ASN A 27 -18.26 0.04 9.99
C ASN A 27 -17.40 0.61 11.16
N HIS A 28 -16.74 -0.25 11.95
CA HIS A 28 -15.81 0.26 13.00
C HIS A 28 -14.36 0.26 12.42
N ASN A 29 -13.54 1.24 12.75
CA ASN A 29 -12.12 1.26 12.30
C ASN A 29 -11.38 -0.02 12.65
N ASN A 30 -11.38 -0.32 13.95
CA ASN A 30 -10.69 -1.42 14.48
C ASN A 30 -11.44 -2.71 14.27
N MET A 31 -10.71 -3.64 13.74
CA MET A 31 -11.18 -4.98 13.49
C MET A 31 -10.07 -5.91 14.00
N TYR A 32 -10.48 -7.04 14.55
CA TYR A 32 -9.64 -7.98 15.18
C TYR A 32 -9.95 -9.40 14.76
N TRP A 33 -8.90 -10.21 14.83
CA TRP A 33 -8.96 -11.60 14.58
C TRP A 33 -8.43 -12.41 15.67
N TYR A 34 -9.27 -13.30 16.22
CA TYR A 34 -8.92 -14.08 17.40
C TYR A 34 -8.96 -15.60 17.36
N ARG A 35 -8.39 -16.14 18.43
CA ARG A 35 -8.28 -17.60 18.56
C ARG A 35 -8.01 -17.89 20.00
N GLN A 36 -8.67 -18.89 20.54
CA GLN A 36 -8.37 -19.21 21.94
C GLN A 36 -8.18 -20.69 22.27
N ASP A 37 -7.40 -20.97 23.33
CA ASP A 37 -7.08 -22.37 23.72
C ASP A 37 -8.41 -23.15 23.91
N THR A 38 -8.45 -24.42 23.45
CA THR A 38 -9.64 -25.30 23.63
C THR A 38 -10.34 -25.07 25.00
N GLY A 39 -11.37 -24.25 25.03
CA GLY A 39 -11.99 -23.91 26.35
C GLY A 39 -11.07 -23.16 27.30
N HIS A 40 -10.41 -22.15 26.78
CA HIS A 40 -9.64 -21.30 27.65
C HIS A 40 -9.96 -19.87 27.35
N GLY A 41 -8.91 -19.05 27.20
CA GLY A 41 -8.98 -17.64 26.78
C GLY A 41 -8.47 -17.33 25.35
N LEU A 42 -8.96 -16.19 24.83
CA LEU A 42 -8.83 -15.74 23.43
C LEU A 42 -7.56 -14.97 23.34
N ARG A 43 -6.71 -15.31 22.39
CA ARG A 43 -5.39 -14.67 22.26
C ARG A 43 -5.25 -14.07 20.88
N LEU A 44 -4.83 -12.80 20.81
CA LEU A 44 -4.59 -12.06 19.56
C LEU A 44 -3.57 -12.47 18.53
N ILE A 45 -4.05 -12.96 17.39
CA ILE A 45 -3.17 -13.25 16.23
C ILE A 45 -2.84 -12.01 15.43
N HIS A 46 -3.88 -11.37 14.91
CA HIS A 46 -3.69 -10.14 14.07
C HIS A 46 -4.81 -9.16 14.21
N TYR A 47 -4.48 -7.88 14.13
CA TYR A 47 -5.49 -6.79 14.19
C TYR A 47 -5.31 -5.77 13.10
N SER A 48 -6.23 -4.80 13.01
CA SER A 48 -6.12 -3.74 12.02
C SER A 48 -6.84 -2.47 12.44
N TYR A 49 -6.13 -1.32 12.29
CA TYR A 49 -6.68 0.07 12.47
C TYR A 49 -7.52 0.60 11.32
N GLY A 50 -7.27 0.08 10.10
CA GLY A 50 -7.89 0.60 8.89
C GLY A 50 -7.57 -0.18 7.66
N ALA A 51 -8.45 -0.15 6.66
CA ALA A 51 -8.14 -0.82 5.39
C ALA A 51 -6.75 -0.52 4.88
N GLY A 52 -6.13 -1.56 4.32
CA GLY A 52 -4.80 -1.51 3.86
C GLY A 52 -3.79 -1.41 5.00
N SER A 53 -4.10 -2.01 6.15
CA SER A 53 -3.11 -2.12 7.20
C SER A 53 -3.44 -3.03 8.38
N THR A 54 -2.54 -4.00 8.60
CA THR A 54 -2.57 -4.92 9.72
C THR A 54 -1.31 -4.79 10.64
N GLU A 55 -1.48 -5.27 11.88
CA GLU A 55 -0.33 -5.47 12.81
C GLU A 55 -0.40 -6.81 13.52
N LYS A 56 0.80 -7.32 13.78
CA LYS A 56 1.05 -8.55 14.46
C LYS A 56 0.55 -8.45 15.86
N GLY A 57 -0.17 -9.51 16.25
CA GLY A 57 -0.72 -9.70 17.59
C GLY A 57 0.17 -10.50 18.49
N ASP A 58 -0.47 -11.22 19.40
CA ASP A 58 0.28 -11.96 20.39
C ASP A 58 1.01 -13.14 19.73
N ILE A 59 0.18 -14.01 19.13
CA ILE A 59 0.57 -15.19 18.43
C ILE A 59 0.57 -15.11 16.84
N PRO A 60 1.31 -14.12 16.23
CA PRO A 60 1.29 -13.84 14.79
C PRO A 60 1.61 -15.11 14.04
N ASP A 61 2.74 -15.70 14.42
CA ASP A 61 3.31 -16.86 13.71
C ASP A 61 2.35 -17.81 13.07
N GLY A 62 2.65 -18.15 11.82
CA GLY A 62 1.89 -19.15 11.06
C GLY A 62 0.52 -18.64 10.59
N TYR A 63 0.21 -17.08 10.68
CA TYR A 63 -0.95 -16.53 10.03
C TYR A 63 -0.64 -15.38 9.14
N LYS A 64 -1.57 -15.15 8.20
CA LYS A 64 -1.59 -14.00 7.28
C LYS A 64 -2.90 -13.35 7.39
N ALA A 65 -2.95 -12.02 7.37
CA ALA A 65 -4.24 -11.35 7.41
C ALA A 65 -4.32 -10.39 6.24
N SER A 66 -5.47 -9.72 6.11
CA SER A 66 -5.63 -8.67 5.13
C SER A 66 -6.84 -7.80 5.30
N ARG A 67 -6.68 -6.48 5.28
CA ARG A 67 -7.91 -5.53 5.41
C ARG A 67 -7.98 -4.70 4.20
N PRO A 68 -8.88 -5.05 3.33
CA PRO A 68 -9.13 -4.46 2.05
C PRO A 68 -10.18 -3.42 1.97
N SER A 69 -10.88 -3.18 3.10
CA SER A 69 -11.94 -2.26 3.17
C SER A 69 -12.45 -2.18 4.65
N GLN A 70 -12.44 -0.99 5.26
CA GLN A 70 -13.09 -0.69 6.57
C GLN A 70 -13.99 -1.71 7.16
N GLU A 71 -14.89 -2.30 6.38
CA GLU A 71 -15.78 -3.32 6.91
C GLU A 71 -15.39 -4.78 6.62
N GLN A 72 -14.20 -5.00 6.08
CA GLN A 72 -13.83 -6.42 5.70
C GLN A 72 -12.42 -6.75 6.16
N PHE A 73 -12.20 -7.97 6.70
CA PHE A 73 -10.85 -8.50 7.24
C PHE A 73 -10.89 -10.02 7.01
N SER A 74 -9.74 -10.62 6.78
CA SER A 74 -9.59 -12.03 6.39
C SER A 74 -8.34 -12.72 6.94
N LEU A 75 -8.45 -13.98 7.32
CA LEU A 75 -7.31 -14.69 7.98
C LEU A 75 -6.82 -15.68 6.94
N ILE A 76 -5.57 -15.48 6.49
CA ILE A 76 -4.99 -16.37 5.51
C ILE A 76 -4.12 -17.41 6.19
N LEU A 77 -4.17 -18.64 5.67
CA LEU A 77 -3.42 -19.78 6.16
C LEU A 77 -2.89 -20.56 4.98
N GLU A 78 -1.59 -20.45 4.74
CA GLU A 78 -1.06 -20.88 3.47
C GLU A 78 -1.00 -22.40 3.50
N SER A 79 -0.05 -22.95 4.25
CA SER A 79 -0.05 -24.40 4.50
C SER A 79 -0.53 -24.66 5.93
N ALA A 80 -1.78 -25.12 6.05
CA ALA A 80 -2.38 -25.50 7.33
C ALA A 80 -1.59 -26.59 7.99
N THR A 81 -1.85 -26.77 9.27
CA THR A 81 -1.30 -27.88 10.07
C THR A 81 -2.19 -28.08 11.31
N PRO A 82 -2.39 -29.35 11.74
CA PRO A 82 -3.32 -29.71 12.78
C PRO A 82 -3.23 -28.80 13.92
N SER A 83 -2.04 -28.46 14.38
CA SER A 83 -1.86 -27.42 15.40
C SER A 83 -2.86 -26.25 15.31
N GLN A 84 -2.93 -25.62 14.12
CA GLN A 84 -3.81 -24.49 13.84
C GLN A 84 -5.27 -24.88 13.96
N THR A 85 -5.53 -26.06 14.50
CA THR A 85 -6.93 -26.48 14.58
C THR A 85 -7.60 -25.88 15.78
N SER A 86 -8.67 -25.10 15.57
CA SER A 86 -9.36 -24.46 16.72
C SER A 86 -10.69 -23.73 16.41
N VAL A 87 -11.02 -22.72 17.25
CA VAL A 87 -12.18 -21.86 17.08
C VAL A 87 -11.70 -20.40 17.02
N TYR A 88 -11.89 -19.77 15.82
CA TYR A 88 -11.59 -18.38 15.50
C TYR A 88 -12.75 -17.35 15.74
N PHE A 89 -12.45 -16.13 16.20
CA PHE A 89 -13.59 -15.15 16.45
C PHE A 89 -13.12 -13.79 15.97
N CYS A 90 -14.04 -13.03 15.41
CA CYS A 90 -13.74 -11.78 14.76
C CYS A 90 -14.43 -10.71 15.55
N ALA A 91 -13.76 -9.59 15.75
CA ALA A 91 -14.38 -8.44 16.39
C ALA A 91 -14.04 -7.12 15.75
N SER A 92 -14.93 -6.18 16.02
CA SER A 92 -14.72 -4.76 15.68
C SER A 92 -15.14 -3.97 16.87
N GLY A 93 -14.39 -2.91 16.98
CA GLY A 93 -14.19 -2.16 18.21
C GLY A 93 -14.04 -0.65 17.88
N GLY A 94 -14.66 0.24 18.70
CA GLY A 94 -14.76 1.67 18.32
C GLY A 94 -15.76 2.51 19.07
N GLY A 95 -15.49 3.80 19.22
CA GLY A 95 -16.32 4.63 20.05
C GLY A 95 -16.92 3.92 21.22
N GLY A 96 -16.11 3.28 22.05
CA GLY A 96 -16.62 2.55 23.25
C GLY A 96 -17.34 1.27 22.85
N THR A 97 -16.80 0.51 21.87
CA THR A 97 -17.55 -0.63 21.35
C THR A 97 -16.58 -1.76 20.89
N LEU A 98 -17.12 -2.99 20.78
CA LEU A 98 -16.42 -4.21 20.50
C LEU A 98 -17.45 -5.27 20.09
N TYR A 99 -17.38 -5.78 18.87
CA TYR A 99 -18.43 -6.69 18.49
C TYR A 99 -17.83 -8.03 18.29
N PHE A 100 -18.88 -9.43 18.36
CA PHE A 100 -17.89 -10.47 17.98
C PHE A 100 -18.57 -11.26 16.92
N GLY A 101 -17.82 -11.97 16.12
CA GLY A 101 -18.41 -12.86 15.16
C GLY A 101 -18.91 -14.11 15.85
N ALA A 102 -19.36 -15.08 15.07
CA ALA A 102 -20.04 -16.19 15.73
C ALA A 102 -19.02 -17.26 15.82
N GLY A 103 -17.81 -16.94 15.37
CA GLY A 103 -16.74 -17.89 15.50
C GLY A 103 -16.69 -18.85 14.29
N THR A 104 -15.46 -19.29 13.98
CA THR A 104 -15.22 -20.33 12.94
C THR A 104 -14.53 -21.52 13.56
N ARG A 105 -15.13 -22.70 13.46
CA ARG A 105 -14.64 -23.95 14.04
C ARG A 105 -13.90 -24.65 12.94
N LEU A 106 -12.59 -24.82 13.10
CA LEU A 106 -11.69 -25.33 12.05
C LEU A 106 -11.11 -26.71 12.38
N SER A 107 -10.63 -27.45 11.35
CA SER A 107 -10.06 -28.79 11.57
C SER A 107 -8.99 -29.10 10.55
N VAL A 108 -7.79 -29.29 11.09
CA VAL A 108 -6.60 -29.42 10.29
C VAL A 108 -6.08 -30.81 10.46
N LEU A 109 -6.44 -31.66 9.51
CA LEU A 109 -6.15 -33.09 9.53
C LEU A 109 -5.40 -33.49 8.24
N SER B 2 23.40 17.14 -8.97
CA SER B 2 22.63 15.92 -8.66
C SER B 2 22.59 15.49 -7.16
N GLN B 3 21.72 14.53 -6.82
CA GLN B 3 21.69 13.83 -5.49
C GLN B 3 22.82 12.73 -5.48
N PRO B 4 23.91 12.91 -4.67
CA PRO B 4 24.99 11.92 -4.60
C PRO B 4 24.49 10.50 -4.27
N ASP B 5 25.13 9.49 -4.88
CA ASP B 5 24.85 8.06 -4.68
C ASP B 5 24.74 7.71 -3.19
N PRO B 6 23.78 6.84 -2.81
CA PRO B 6 23.45 6.64 -1.38
C PRO B 6 24.63 6.06 -0.64
N MET B 7 24.56 6.03 0.69
CA MET B 7 25.58 5.35 1.51
C MET B 7 25.09 4.12 2.29
N PRO B 8 25.93 3.08 2.40
CA PRO B 8 25.73 1.89 3.19
C PRO B 8 24.84 2.10 4.42
N ASP B 9 25.42 2.78 5.41
CA ASP B 9 24.72 3.06 6.65
C ASP B 9 23.77 4.23 6.38
N ASP B 10 23.68 4.68 5.14
CA ASP B 10 22.75 5.74 4.80
C ASP B 10 21.46 5.20 4.25
N LEU B 11 21.37 3.88 4.26
CA LEU B 11 20.19 3.07 3.74
C LEU B 11 19.51 2.30 4.87
N HIS B 12 18.21 2.06 4.74
CA HIS B 12 17.44 1.45 5.79
C HIS B 12 17.52 -0.05 5.60
N LYS B 13 17.49 -0.72 6.72
CA LYS B 13 17.76 -2.10 6.73
C LYS B 13 16.53 -2.76 7.22
N SER B 14 16.14 -3.69 6.37
CA SER B 14 15.10 -4.62 6.63
C SER B 14 15.23 -5.33 7.95
N SER B 15 16.38 -6.01 8.19
CA SER B 15 16.71 -6.60 9.49
C SER B 15 16.35 -5.69 10.71
N GLU B 16 16.23 -4.39 10.47
CA GLU B 16 15.95 -3.49 11.62
C GLU B 16 14.50 -3.13 11.79
N PHE B 17 13.64 -3.77 11.06
CA PHE B 17 12.24 -3.43 11.16
C PHE B 17 11.38 -4.63 11.67
N THR B 18 11.08 -4.60 12.96
CA THR B 18 10.43 -5.68 13.56
C THR B 18 8.96 -5.67 13.21
N GLY B 19 8.58 -4.65 12.47
CA GLY B 19 7.19 -4.29 12.07
C GLY B 19 6.61 -5.38 11.23
N THR B 20 5.63 -5.05 10.35
CA THR B 20 5.08 -5.99 9.41
C THR B 20 5.26 -5.53 7.93
N MET B 21 6.25 -5.97 7.16
CA MET B 21 6.41 -5.47 5.77
C MET B 21 5.20 -5.60 4.84
N GLY B 22 4.03 -6.01 5.34
CA GLY B 22 2.87 -6.21 4.52
C GLY B 22 2.19 -4.90 4.28
N ASN B 23 2.28 -4.00 5.27
CA ASN B 23 1.76 -2.66 5.07
C ASN B 23 2.52 -1.83 3.99
N MET B 24 3.72 -2.29 3.65
CA MET B 24 4.44 -1.64 2.54
C MET B 24 4.05 -2.39 1.27
N LYS B 25 3.99 -3.72 1.33
CA LYS B 25 3.60 -4.46 0.13
C LYS B 25 2.28 -3.81 -0.29
N TYR B 26 1.48 -3.43 0.70
CA TYR B 26 0.06 -3.02 0.49
C TYR B 26 -0.08 -1.96 -0.55
N LEU B 27 0.79 -0.94 -0.46
CA LEU B 27 0.76 0.23 -1.31
C LEU B 27 1.20 0.00 -2.77
N TYR B 28 1.80 -1.16 -3.10
CA TYR B 28 2.14 -1.45 -4.52
C TYR B 28 1.74 -2.75 -5.22
N ASP B 29 1.09 -3.69 -4.57
CA ASP B 29 0.58 -4.88 -5.31
C ASP B 29 -0.68 -4.47 -6.03
N ASP B 30 -0.52 -3.95 -7.26
CA ASP B 30 -1.73 -3.61 -8.08
C ASP B 30 -2.66 -2.64 -7.29
N HIS B 31 -2.06 -1.58 -6.68
CA HIS B 31 -2.75 -0.55 -5.88
C HIS B 31 -2.19 0.74 -6.40
N TYR B 32 -3.04 1.58 -6.97
CA TYR B 32 -2.72 2.98 -7.36
C TYR B 32 -4.07 3.68 -7.63
N VAL B 33 -4.01 5.01 -7.83
CA VAL B 33 -5.18 5.74 -8.20
C VAL B 33 -4.88 6.24 -9.55
N SER B 34 -5.84 6.09 -10.50
CA SER B 34 -5.54 6.54 -11.84
C SER B 34 -6.71 7.18 -12.46
N ALA B 35 -6.62 8.50 -12.63
CA ALA B 35 -7.72 9.28 -13.19
C ALA B 35 -7.15 10.04 -14.35
N THR B 36 -7.98 10.36 -15.34
CA THR B 36 -7.56 10.95 -16.65
C THR B 36 -8.40 12.11 -17.03
N LYS B 37 -7.77 13.28 -17.27
CA LYS B 37 -8.51 14.40 -17.73
C LYS B 37 -9.60 14.68 -16.68
N VAL B 38 -9.24 15.34 -15.56
CA VAL B 38 -10.24 15.78 -14.55
C VAL B 38 -9.83 17.09 -13.86
N LYS B 39 -10.70 17.67 -13.01
CA LYS B 39 -10.29 18.88 -12.42
C LYS B 39 -10.71 18.89 -11.00
N SER B 40 -9.80 19.47 -10.23
CA SER B 40 -9.96 19.58 -8.79
C SER B 40 -11.40 19.97 -8.57
N VAL B 41 -11.97 19.64 -7.45
CA VAL B 41 -13.36 20.06 -7.12
C VAL B 41 -13.55 20.50 -5.67
N ASP B 42 -12.47 20.70 -4.95
CA ASP B 42 -12.62 21.25 -3.58
C ASP B 42 -11.28 21.38 -2.97
N LYS B 43 -11.26 21.47 -1.64
CA LYS B 43 -10.02 21.64 -0.94
C LYS B 43 -10.13 21.81 0.56
N PHE B 44 -9.16 21.26 1.31
CA PHE B 44 -9.01 21.41 2.80
C PHE B 44 -7.90 22.43 3.21
N LEU B 45 -6.67 21.99 3.36
CA LEU B 45 -5.64 22.97 3.75
C LEU B 45 -5.02 23.59 2.52
N ALA B 46 -4.27 24.71 2.69
CA ALA B 46 -3.76 25.63 1.66
C ALA B 46 -2.91 24.91 0.59
N HIS B 47 -3.05 23.61 0.55
CA HIS B 47 -2.24 22.83 -0.30
C HIS B 47 -2.74 21.43 -0.56
N ASP B 48 -4.07 21.15 -0.60
CA ASP B 48 -4.54 19.85 -1.09
C ASP B 48 -5.79 19.96 -1.93
N LEU B 49 -5.84 19.38 -3.14
CA LEU B 49 -6.98 19.44 -4.05
C LEU B 49 -7.71 18.10 -4.09
N ILE B 50 -8.97 18.05 -3.60
CA ILE B 50 -9.85 16.92 -3.64
C ILE B 50 -10.46 16.74 -5.04
N TYR B 51 -10.55 15.55 -5.56
CA TYR B 51 -11.14 15.32 -6.85
C TYR B 51 -12.29 14.36 -6.63
N ASN B 52 -13.10 14.09 -7.66
CA ASN B 52 -14.15 13.20 -7.39
C ASN B 52 -13.78 12.05 -8.25
N ILE B 53 -12.79 11.28 -7.80
CA ILE B 53 -12.32 10.08 -8.48
C ILE B 53 -12.86 8.85 -7.76
N SER B 54 -13.54 7.95 -8.45
CA SER B 54 -14.11 6.81 -7.77
C SER B 54 -13.44 5.47 -7.87
N ASP B 55 -13.30 4.83 -6.72
CA ASP B 55 -12.77 3.49 -6.64
C ASP B 55 -13.34 2.62 -7.72
N LYS B 56 -12.53 2.19 -8.71
CA LYS B 56 -13.04 1.21 -9.68
C LYS B 56 -12.99 -0.26 -9.23
N LYS B 57 -11.88 -0.63 -8.63
CA LYS B 57 -11.60 -1.95 -8.09
C LYS B 57 -12.60 -2.34 -7.04
N LEU B 58 -12.68 -1.61 -5.93
CA LEU B 58 -13.65 -1.98 -4.88
C LEU B 58 -14.78 -0.95 -4.74
N LYS B 59 -14.80 -0.26 -3.62
CA LYS B 59 -15.93 0.68 -3.32
C LYS B 59 -15.56 1.56 -2.12
N ASN B 60 -14.24 1.66 -1.92
CA ASN B 60 -13.69 2.36 -0.78
C ASN B 60 -13.96 3.87 -0.90
N TYR B 61 -13.63 4.56 -2.01
CA TYR B 61 -13.69 6.04 -2.08
C TYR B 61 -14.51 6.51 -3.24
N ASP B 62 -15.02 7.71 -3.20
CA ASP B 62 -15.56 8.40 -4.38
C ASP B 62 -14.73 9.71 -4.55
N LYS B 63 -13.84 10.03 -3.60
CA LYS B 63 -13.00 11.26 -3.66
C LYS B 63 -11.57 11.05 -3.13
N VAL B 64 -10.64 11.92 -3.48
CA VAL B 64 -9.22 11.58 -3.40
C VAL B 64 -8.56 12.87 -3.14
N LYS B 65 -7.94 12.96 -1.96
CA LYS B 65 -7.29 14.22 -1.45
C LYS B 65 -5.81 14.08 -1.69
N THR B 66 -5.22 14.84 -2.57
CA THR B 66 -3.83 14.69 -2.78
C THR B 66 -3.16 15.91 -2.22
N GLU B 67 -2.00 15.76 -1.60
CA GLU B 67 -1.40 16.91 -0.86
C GLU B 67 -0.12 17.21 -1.54
N LEU B 68 0.23 18.47 -1.73
CA LEU B 68 1.42 18.86 -2.54
C LEU B 68 2.45 19.50 -1.65
N LEU B 69 3.64 19.74 -2.17
CA LEU B 69 4.75 20.28 -1.40
C LEU B 69 4.36 21.53 -0.61
N ASN B 70 3.70 22.48 -1.27
CA ASN B 70 3.35 23.75 -0.64
C ASN B 70 2.16 24.35 -1.36
N GLU B 71 1.75 25.52 -0.89
CA GLU B 71 0.66 26.23 -1.42
C GLU B 71 0.74 26.62 -2.88
N ASP B 72 1.83 27.28 -3.36
CA ASP B 72 1.92 27.63 -4.81
C ASP B 72 1.92 26.48 -5.72
N LEU B 73 2.33 25.34 -5.24
CA LEU B 73 2.37 24.16 -6.16
C LEU B 73 0.92 23.73 -6.26
N ALA B 74 0.13 24.05 -5.21
CA ALA B 74 -1.35 23.68 -5.11
C ALA B 74 -2.11 24.40 -6.24
N LYS B 75 -1.91 25.71 -6.34
CA LYS B 75 -2.55 26.54 -7.32
C LYS B 75 -2.09 26.15 -8.71
N LYS B 76 -0.79 26.04 -8.95
CA LYS B 76 -0.41 25.56 -10.29
C LYS B 76 -1.48 24.57 -10.87
N TYR B 77 -2.15 23.78 -10.03
CA TYR B 77 -3.08 22.85 -10.60
C TYR B 77 -4.50 23.06 -10.21
N LYS B 78 -4.70 23.99 -9.25
CA LYS B 78 -5.97 24.19 -8.54
C LYS B 78 -7.16 24.05 -9.39
N ASP B 79 -7.18 24.66 -10.57
CA ASP B 79 -8.33 24.44 -11.57
C ASP B 79 -7.97 24.08 -13.06
N GLU B 80 -7.05 23.13 -13.23
CA GLU B 80 -6.65 22.73 -14.56
C GLU B 80 -7.07 21.29 -14.80
N VAL B 81 -7.16 20.91 -16.08
CA VAL B 81 -7.56 19.55 -16.40
C VAL B 81 -6.35 18.70 -16.34
N VAL B 82 -6.26 17.79 -15.34
CA VAL B 82 -5.02 17.05 -15.18
C VAL B 82 -5.29 15.60 -15.24
N ASP B 83 -4.23 14.74 -15.20
CA ASP B 83 -4.36 13.28 -15.01
C ASP B 83 -3.86 12.95 -13.62
N VAL B 84 -4.13 11.77 -13.15
CA VAL B 84 -3.58 11.34 -11.85
C VAL B 84 -2.94 9.94 -11.78
N TYR B 85 -1.92 9.72 -10.93
CA TYR B 85 -1.29 8.44 -10.79
C TYR B 85 -0.57 8.49 -9.46
N GLY B 86 -1.15 7.88 -8.44
CA GLY B 86 -0.51 7.82 -7.18
C GLY B 86 -0.90 6.65 -6.31
N SER B 87 -0.11 6.36 -5.24
CA SER B 87 -0.54 5.41 -4.18
C SER B 87 -1.30 6.07 -3.05
N ASN B 88 -2.54 5.62 -2.85
CA ASN B 88 -3.42 6.14 -1.89
C ASN B 88 -3.29 5.37 -0.59
N TYR B 89 -3.69 6.00 0.52
CA TYR B 89 -3.81 5.24 1.80
C TYR B 89 -5.05 5.66 2.60
N TYR B 90 -5.27 5.12 3.78
CA TYR B 90 -6.39 5.52 4.58
C TYR B 90 -5.99 5.77 6.02
N VAL B 91 -5.45 4.79 6.71
CA VAL B 91 -5.10 5.00 8.08
C VAL B 91 -4.32 6.37 8.22
N ASN B 92 -4.99 7.36 8.83
CA ASN B 92 -4.57 8.78 8.91
C ASN B 92 -4.85 9.65 7.66
N CYS B 93 -5.98 9.39 6.98
CA CYS B 93 -6.47 10.20 5.85
C CYS B 93 -7.50 11.08 6.40
N TYR B 94 -7.09 12.33 6.62
CA TYR B 94 -7.91 13.36 7.36
C TYR B 94 -8.33 14.55 6.50
N PHE B 95 -9.28 15.27 7.03
CA PHE B 95 -9.88 16.48 6.48
C PHE B 95 -10.31 17.51 7.45
N SER B 96 -9.73 17.48 8.65
CA SER B 96 -10.08 18.36 9.73
C SER B 96 -8.89 18.45 10.68
N SER B 97 -9.13 18.51 11.97
CA SER B 97 -8.01 18.73 12.87
C SER B 97 -7.65 17.45 13.64
N LYS B 98 -8.68 16.72 14.08
CA LYS B 98 -8.50 15.47 14.79
C LYS B 98 -7.79 14.50 13.85
N ASP B 99 -6.74 13.88 14.41
CA ASP B 99 -5.68 13.07 13.74
C ASP B 99 -6.09 11.63 13.30
N ASN B 100 -6.79 10.89 14.20
CA ASN B 100 -7.44 9.56 13.88
C ASN B 100 -8.96 9.58 13.97
N VAL B 101 -9.54 9.82 12.79
CA VAL B 101 -10.97 10.05 12.62
C VAL B 101 -11.35 9.40 11.27
N TRP B 102 -12.56 8.89 11.15
CA TRP B 102 -13.00 8.27 9.85
C TRP B 102 -13.93 9.15 8.95
N TRP B 103 -14.06 8.79 7.66
CA TRP B 103 -14.90 9.51 6.74
C TRP B 103 -15.67 8.61 5.81
N HIS B 104 -14.95 8.20 4.77
CA HIS B 104 -15.52 7.33 3.72
C HIS B 104 -15.61 8.05 2.42
N GLY B 105 -15.63 7.26 1.33
CA GLY B 105 -15.46 7.74 -0.07
C GLY B 105 -14.26 8.66 -0.26
N LYS B 106 -13.31 8.63 0.67
CA LYS B 106 -12.25 9.57 0.66
C LYS B 106 -10.96 8.78 0.79
N THR B 107 -9.81 9.36 0.43
CA THR B 107 -8.53 8.66 0.47
C THR B 107 -7.51 9.71 0.22
N CYS B 108 -6.31 9.51 0.66
CA CYS B 108 -5.27 10.55 0.54
C CYS B 108 -4.07 10.16 -0.35
N MET B 109 -3.22 11.10 -0.70
CA MET B 109 -1.97 10.72 -1.37
C MET B 109 -1.12 11.90 -1.40
N TYR B 110 -0.16 11.87 -2.30
CA TYR B 110 0.67 13.05 -2.48
C TYR B 110 1.08 13.03 -3.98
N GLY B 111 1.09 14.17 -4.66
CA GLY B 111 1.65 14.29 -6.00
C GLY B 111 0.80 13.49 -7.00
N GLY B 112 1.46 13.02 -8.03
CA GLY B 112 0.73 12.33 -9.15
C GLY B 112 -0.38 13.01 -9.94
N ILE B 113 -0.03 14.04 -10.71
CA ILE B 113 -0.96 14.78 -11.58
C ILE B 113 -0.17 15.48 -12.61
N THR B 114 -0.74 15.59 -13.82
CA THR B 114 -0.12 16.38 -14.88
C THR B 114 -1.15 16.93 -15.84
N LYS B 115 -0.80 18.06 -16.45
CA LYS B 115 -1.74 18.74 -17.31
C LYS B 115 -1.99 17.76 -18.46
N HIS B 116 -3.25 17.42 -18.66
CA HIS B 116 -3.69 16.48 -19.70
C HIS B 116 -3.43 16.96 -21.14
N GLU B 117 -3.73 18.25 -21.40
CA GLU B 117 -3.64 18.86 -22.71
C GLU B 117 -2.28 18.63 -23.27
N GLY B 118 -2.29 18.03 -24.46
CA GLY B 118 -1.07 17.85 -25.26
C GLY B 118 0.11 17.37 -24.41
N ASN B 119 -0.13 16.19 -23.80
CA ASN B 119 0.83 15.42 -23.01
C ASN B 119 0.69 13.92 -23.24
N HIS B 120 -0.44 13.47 -23.82
CA HIS B 120 -0.56 12.09 -24.23
C HIS B 120 0.06 11.88 -25.65
N PHE B 121 0.05 10.62 -26.14
CA PHE B 121 0.62 10.20 -27.46
C PHE B 121 -0.35 10.23 -28.64
N ASP B 122 0.29 10.19 -29.81
CA ASP B 122 -0.38 10.09 -31.12
C ASP B 122 -1.74 9.41 -31.16
N ASN B 123 -1.76 8.07 -31.15
CA ASN B 123 -3.03 7.30 -31.32
C ASN B 123 -3.31 6.25 -30.25
N GLY B 124 -3.03 6.64 -29.00
CA GLY B 124 -2.93 5.71 -27.87
C GLY B 124 -1.64 4.87 -27.69
N ASN B 125 -0.65 5.02 -28.56
CA ASN B 125 0.64 4.36 -28.33
C ASN B 125 1.12 4.60 -26.90
N LEU B 126 1.80 3.60 -26.35
CA LEU B 126 2.39 3.66 -24.98
C LEU B 126 3.90 3.63 -25.11
N GLN B 127 4.55 4.28 -24.15
CA GLN B 127 6.01 4.39 -24.10
C GLN B 127 6.63 3.33 -23.22
N ASN B 128 7.83 2.90 -23.54
CA ASN B 128 8.43 1.89 -22.72
C ASN B 128 9.67 2.39 -22.00
N VAL B 129 9.80 2.00 -20.75
CA VAL B 129 10.90 2.49 -19.90
C VAL B 129 11.64 1.31 -19.33
N LEU B 130 12.91 1.28 -19.68
CA LEU B 130 13.75 0.26 -19.18
C LEU B 130 14.02 0.30 -17.65
N VAL B 131 14.15 -0.89 -17.06
CA VAL B 131 14.58 -0.96 -15.69
C VAL B 131 15.68 -1.98 -15.57
N ARG B 132 16.91 -1.56 -15.23
CA ARG B 132 18.00 -2.44 -14.94
C ARG B 132 17.96 -2.78 -13.47
N VAL B 133 17.75 -4.05 -13.12
CA VAL B 133 17.81 -4.43 -11.70
C VAL B 133 19.21 -4.94 -11.26
N TYR B 134 19.71 -4.46 -10.11
CA TYR B 134 20.95 -5.00 -9.57
C TYR B 134 20.77 -5.70 -8.20
N GLU B 135 21.12 -6.98 -8.13
CA GLU B 135 21.14 -7.81 -6.92
C GLU B 135 22.60 -7.97 -6.63
N ASN B 136 22.99 -7.44 -5.48
CA ASN B 136 24.35 -7.49 -5.04
C ASN B 136 25.33 -6.96 -6.11
N LYS B 137 24.95 -5.89 -6.78
CA LYS B 137 25.76 -5.30 -7.86
C LYS B 137 25.75 -6.11 -9.21
N ARG B 138 24.68 -6.82 -9.55
CA ARG B 138 24.76 -7.49 -10.84
C ARG B 138 23.51 -7.30 -11.68
N ASN B 139 23.67 -7.13 -13.00
CA ASN B 139 22.42 -6.81 -13.78
C ASN B 139 21.70 -8.11 -14.01
N THR B 140 20.88 -8.48 -13.03
CA THR B 140 20.30 -9.81 -13.03
C THR B 140 19.11 -9.87 -13.98
N ILE B 141 18.20 -8.93 -13.75
CA ILE B 141 16.89 -8.90 -14.36
C ILE B 141 16.73 -7.46 -14.90
N SER B 142 16.11 -7.34 -16.07
CA SER B 142 15.73 -6.03 -16.74
C SER B 142 14.39 -6.14 -17.51
N PHE B 143 13.48 -5.21 -17.25
CA PHE B 143 12.16 -5.30 -17.84
C PHE B 143 11.83 -3.90 -18.20
N GLU B 144 10.59 -3.58 -18.45
CA GLU B 144 10.15 -2.27 -18.86
C GLU B 144 8.78 -1.92 -18.34
N VAL B 145 8.48 -0.64 -18.38
CA VAL B 145 7.25 -0.20 -17.78
C VAL B 145 6.55 0.60 -18.81
N GLN B 146 5.24 0.70 -18.70
CA GLN B 146 4.53 1.39 -19.75
C GLN B 146 3.69 2.47 -19.19
N THR B 147 3.60 3.58 -19.91
CA THR B 147 2.74 4.71 -19.42
C THR B 147 2.12 5.47 -20.63
N ASP B 148 1.15 6.32 -20.38
CA ASP B 148 0.54 7.15 -21.39
C ASP B 148 1.04 8.57 -21.35
N LYS B 149 1.77 9.01 -20.28
CA LYS B 149 2.27 10.37 -20.22
C LYS B 149 3.52 10.66 -21.13
N LYS B 150 3.72 11.92 -21.55
CA LYS B 150 4.92 12.25 -22.52
C LYS B 150 5.91 12.82 -21.59
N SER B 151 5.38 13.04 -20.38
CA SER B 151 6.18 13.42 -19.28
C SER B 151 5.37 13.04 -18.03
N VAL B 152 5.94 12.13 -17.19
CA VAL B 152 5.17 11.48 -16.11
C VAL B 152 5.82 11.62 -14.77
N THR B 153 4.99 11.36 -13.73
CA THR B 153 5.33 11.54 -12.33
C THR B 153 6.27 10.40 -11.99
N ALA B 154 7.53 10.69 -11.51
CA ALA B 154 8.39 9.62 -11.02
C ALA B 154 7.58 8.61 -10.20
N GLN B 155 6.67 9.09 -9.35
CA GLN B 155 5.85 8.23 -8.55
C GLN B 155 5.21 7.21 -9.44
N GLU B 156 4.46 7.63 -10.44
CA GLU B 156 3.84 6.68 -11.37
C GLU B 156 4.83 5.67 -11.71
N LEU B 157 6.00 6.11 -12.16
CA LEU B 157 6.94 5.16 -12.73
C LEU B 157 7.45 4.20 -11.69
N ASP B 158 7.94 4.78 -10.57
CA ASP B 158 8.32 3.98 -9.44
C ASP B 158 7.30 2.91 -9.08
N ILE B 159 6.02 3.28 -8.84
CA ILE B 159 5.00 2.35 -8.38
C ILE B 159 5.07 1.10 -9.29
N LYS B 160 4.97 1.39 -10.57
CA LYS B 160 4.85 0.42 -11.64
C LYS B 160 6.04 -0.54 -11.54
N ALA B 161 7.22 0.01 -11.26
CA ALA B 161 8.45 -0.76 -11.07
C ALA B 161 8.24 -1.78 -9.93
N ARG B 162 8.10 -1.24 -8.71
CA ARG B 162 7.79 -1.99 -7.51
C ARG B 162 6.67 -3.01 -7.72
N ASN B 163 5.51 -2.64 -8.23
CA ASN B 163 4.43 -3.57 -8.46
C ASN B 163 4.95 -4.81 -9.16
N PHE B 164 5.87 -4.65 -10.15
CA PHE B 164 6.42 -5.79 -10.93
C PHE B 164 7.30 -6.59 -10.01
N LEU B 165 8.34 -5.94 -9.46
CA LEU B 165 9.20 -6.62 -8.47
C LEU B 165 8.37 -7.42 -7.39
N ILE B 166 7.29 -6.85 -6.86
CA ILE B 166 6.40 -7.61 -5.97
C ILE B 166 5.95 -8.77 -6.85
N ASN B 167 5.11 -8.51 -7.84
CA ASN B 167 4.62 -9.68 -8.67
C ASN B 167 5.61 -10.72 -9.27
N LYS B 168 6.91 -10.50 -9.17
CA LYS B 168 7.85 -11.48 -9.83
C LYS B 168 9.16 -11.81 -9.10
N LYS B 169 9.54 -10.96 -8.16
CA LYS B 169 10.83 -11.10 -7.37
C LYS B 169 10.65 -10.84 -5.84
N ASN B 170 9.45 -11.12 -5.33
CA ASN B 170 9.15 -10.96 -3.91
C ASN B 170 9.83 -9.79 -3.21
N LEU B 171 9.66 -8.61 -3.78
CA LEU B 171 10.38 -7.44 -3.22
C LEU B 171 9.94 -7.19 -1.78
N TYR B 172 8.73 -7.57 -1.50
CA TYR B 172 8.06 -7.32 -0.20
C TYR B 172 7.17 -8.56 -0.06
N GLU B 173 7.20 -9.13 1.12
CA GLU B 173 6.35 -10.22 1.53
C GLU B 173 5.65 -9.84 2.85
N PHE B 174 4.44 -10.40 3.06
CA PHE B 174 3.66 -10.13 4.20
C PHE B 174 4.38 -10.05 5.55
N ASN B 175 5.49 -10.74 5.77
CA ASN B 175 6.25 -10.57 7.08
C ASN B 175 7.53 -9.83 7.01
N SER B 176 8.11 -9.84 5.82
CA SER B 176 9.33 -9.16 5.55
C SER B 176 9.78 -9.29 4.10
N SER B 177 11.07 -9.15 3.90
CA SER B 177 11.64 -9.14 2.54
C SER B 177 13.05 -9.76 2.44
N PRO B 178 13.25 -10.59 1.39
CA PRO B 178 14.42 -11.30 1.05
C PRO B 178 15.58 -10.37 0.94
N TYR B 179 15.33 -9.08 0.86
CA TYR B 179 16.40 -8.06 0.68
C TYR B 179 16.64 -7.26 1.97
N GLU B 180 17.87 -6.73 2.11
CA GLU B 180 18.24 -6.05 3.35
C GLU B 180 18.07 -4.57 3.09
N THR B 181 18.42 -4.14 1.86
CA THR B 181 18.30 -2.75 1.47
C THR B 181 17.94 -2.62 0.02
N GLY B 182 17.50 -1.42 -0.36
CA GLY B 182 17.16 -1.13 -1.78
C GLY B 182 16.59 0.23 -2.07
N TYR B 183 17.02 0.78 -3.19
CA TYR B 183 16.70 2.16 -3.56
C TYR B 183 16.49 2.27 -5.04
N ILE B 184 15.56 3.11 -5.44
CA ILE B 184 15.26 3.23 -6.87
C ILE B 184 15.80 4.59 -7.32
N LYS B 185 16.86 4.56 -8.15
CA LYS B 185 17.49 5.76 -8.69
C LYS B 185 17.10 5.98 -10.13
N PHE B 186 16.82 7.26 -10.47
CA PHE B 186 16.45 7.84 -11.78
C PHE B 186 17.56 8.73 -12.41
N ILE B 187 17.62 8.68 -13.74
CA ILE B 187 18.56 9.41 -14.51
C ILE B 187 17.84 10.23 -15.55
N GLU B 188 18.06 11.55 -15.52
CA GLU B 188 17.44 12.42 -16.52
C GLU B 188 18.42 12.79 -17.68
N ASN B 189 17.90 12.71 -18.90
CA ASN B 189 18.62 13.01 -20.12
C ASN B 189 19.71 14.07 -19.94
N ASN B 190 19.40 15.08 -19.13
CA ASN B 190 20.34 16.17 -18.82
C ASN B 190 21.55 15.76 -17.95
N GLY B 191 21.30 14.79 -17.06
CA GLY B 191 22.25 14.31 -16.04
C GLY B 191 21.71 14.44 -14.61
N ASN B 192 20.43 14.56 -14.46
CA ASN B 192 19.98 14.65 -13.09
C ASN B 192 19.70 13.25 -12.66
N THR B 193 20.19 12.94 -11.49
CA THR B 193 20.02 11.63 -10.95
C THR B 193 19.59 11.75 -9.52
N PHE B 194 18.51 11.05 -9.16
CA PHE B 194 17.99 11.08 -7.79
C PHE B 194 17.49 9.70 -7.38
N TRP B 195 17.53 9.35 -6.12
CA TRP B 195 17.16 7.99 -5.67
C TRP B 195 16.19 8.07 -4.49
N TYR B 196 15.51 7.00 -4.18
CA TYR B 196 14.49 6.97 -3.14
C TYR B 196 14.64 5.63 -2.40
N ASP B 197 14.71 5.66 -1.06
CA ASP B 197 14.90 4.43 -0.32
C ASP B 197 13.65 3.58 -0.41
N MET B 198 13.78 2.26 -0.43
CA MET B 198 12.56 1.36 -0.56
C MET B 198 12.20 0.71 0.72
N MET B 199 13.13 0.78 1.67
CA MET B 199 12.92 0.08 2.88
C MET B 199 12.49 0.98 4.02
N PRO B 200 11.54 0.48 4.82
CA PRO B 200 11.06 1.07 6.04
C PRO B 200 12.08 1.61 7.03
N ALA B 201 11.52 2.26 8.04
CA ALA B 201 12.36 3.02 8.92
C ALA B 201 12.80 2.03 9.99
N PRO B 202 14.05 2.15 10.51
CA PRO B 202 14.52 1.18 11.38
C PRO B 202 13.71 1.35 12.65
N GLY B 203 12.63 0.57 12.79
CA GLY B 203 11.92 0.35 14.07
C GLY B 203 10.73 -0.61 14.12
N ASP B 204 9.89 -0.44 15.14
CA ASP B 204 8.77 -1.38 15.36
C ASP B 204 7.57 -1.30 14.45
N LYS B 205 7.11 -0.05 14.18
CA LYS B 205 5.92 0.21 13.33
C LYS B 205 6.23 0.97 12.05
N PHE B 206 5.24 1.05 11.16
CA PHE B 206 5.44 1.77 9.90
C PHE B 206 4.32 2.77 9.62
N ASP B 207 4.57 4.08 9.69
CA ASP B 207 3.55 5.04 9.29
C ASP B 207 3.49 5.03 7.74
N GLN B 208 2.45 4.40 7.18
CA GLN B 208 2.29 4.37 5.75
C GLN B 208 2.42 5.73 5.16
N SER B 209 1.50 6.56 5.55
CA SER B 209 1.55 7.96 5.16
C SER B 209 2.93 8.55 5.04
N LYS B 210 3.39 9.05 6.17
CA LYS B 210 4.70 9.76 6.21
C LYS B 210 5.75 9.23 5.28
N TYR B 211 5.61 7.98 4.85
CA TYR B 211 6.62 7.41 3.89
C TYR B 211 6.37 8.14 2.61
N LEU B 212 5.11 8.15 2.24
CA LEU B 212 4.67 8.66 0.94
C LEU B 212 4.84 10.10 0.83
N MET B 213 4.96 10.80 1.97
CA MET B 213 4.97 12.23 1.89
C MET B 213 6.12 12.63 0.95
N MET B 214 7.03 11.72 0.68
CA MET B 214 8.07 12.03 -0.25
C MET B 214 7.62 12.29 -1.67
N TYR B 215 6.34 12.07 -1.95
CA TYR B 215 5.93 12.19 -3.34
C TYR B 215 5.27 13.52 -3.52
N ASN B 216 5.43 14.38 -2.51
CA ASN B 216 4.72 15.65 -2.59
C ASN B 216 5.47 16.76 -3.37
N ASP B 217 6.59 16.38 -3.98
CA ASP B 217 7.41 17.33 -4.70
C ASP B 217 6.92 17.22 -6.19
N ASN B 218 5.85 16.44 -6.36
CA ASN B 218 5.32 16.18 -7.65
C ASN B 218 6.31 16.17 -8.77
N LYS B 219 7.53 15.67 -8.56
CA LYS B 219 8.58 15.82 -9.45
C LYS B 219 8.18 14.96 -10.60
N THR B 220 8.45 15.46 -11.80
CA THR B 220 8.21 14.79 -13.08
C THR B 220 9.54 14.52 -13.90
N VAL B 221 9.32 13.69 -14.90
CA VAL B 221 10.41 13.21 -15.77
C VAL B 221 9.93 12.89 -17.21
N ASP B 222 10.88 12.83 -18.17
CA ASP B 222 10.44 12.66 -19.57
C ASP B 222 10.56 11.24 -20.00
N SER B 223 9.42 10.56 -20.04
CA SER B 223 9.41 9.11 -20.45
C SER B 223 10.41 8.80 -21.57
N LYS B 224 10.03 9.00 -22.80
CA LYS B 224 10.94 8.72 -23.96
C LYS B 224 12.48 8.78 -23.74
N SER B 225 12.93 9.28 -22.64
CA SER B 225 14.41 9.36 -22.46
C SER B 225 14.98 8.89 -21.20
N VAL B 226 14.51 9.43 -20.11
CA VAL B 226 14.78 8.96 -18.70
C VAL B 226 14.96 7.48 -18.72
N LYS B 227 15.84 7.03 -17.85
CA LYS B 227 16.20 5.59 -17.64
C LYS B 227 16.16 5.32 -16.09
N ILE B 228 15.84 4.08 -15.67
CA ILE B 228 15.70 3.66 -14.20
C ILE B 228 16.70 2.64 -13.76
N GLU B 229 17.13 2.77 -12.51
CA GLU B 229 17.90 1.78 -11.88
C GLU B 229 17.44 1.44 -10.46
N VAL B 230 17.28 0.14 -10.25
CA VAL B 230 17.02 -0.37 -8.91
C VAL B 230 18.17 -1.14 -8.36
N HIS B 231 18.41 -0.94 -7.06
CA HIS B 231 19.58 -1.56 -6.44
C HIS B 231 19.37 -2.26 -5.12
N LEU B 232 19.60 -3.60 -5.16
CA LEU B 232 19.45 -4.41 -4.01
C LEU B 232 20.63 -5.22 -3.46
N THR B 233 20.46 -5.64 -2.20
CA THR B 233 21.44 -6.36 -1.43
C THR B 233 20.70 -7.35 -0.60
N THR B 234 21.14 -8.59 -0.78
CA THR B 234 20.49 -9.73 -0.19
C THR B 234 20.80 -9.81 1.25
N LYS B 235 19.95 -10.52 1.96
CA LYS B 235 20.05 -10.64 3.42
C LYS B 235 21.24 -11.54 3.64
#